data_8QB2
#
_entry.id   8QB2
#
_cell.length_a   60.490
_cell.length_b   60.490
_cell.length_c   62.234
_cell.angle_alpha   90.00
_cell.angle_beta   90.00
_cell.angle_gamma   120.00
#
_symmetry.space_group_name_H-M   'P 32 2 1'
#
loop_
_entity.id
_entity.type
_entity.pdbx_description
1 polymer Peregrin
2 non-polymer 1-[2-methyl-4-(3-methylbutyl)-5-(2-piperazin-1-yl-1,3-thiazol-4-yl)-1~{H}-pyrrol-3-yl]ethanone
3 non-polymer 'NITRATE ION'
4 water water
#
_entity_poly.entity_id   1
_entity_poly.type   'polypeptide(L)'
_entity_poly.pdbx_seq_one_letter_code
;SMEMQLTPFLILLRKTLEQLQEKDTGNIFSEPVPLSEVPDYLDHIKKPMDFFTMKQNLEAYRYLNFDDFEEDFNLIVSNC
LKYNAKDTIFYRAAVRLREQGGAVLRQARRQAEKMG
;
_entity_poly.pdbx_strand_id   A
#
# COMPACT_ATOMS: atom_id res chain seq x y z
N MET A 4 12.15 -20.18 1.94
CA MET A 4 11.86 -20.30 0.51
C MET A 4 12.88 -19.51 -0.34
N GLN A 5 12.67 -19.53 -1.65
CA GLN A 5 13.59 -18.91 -2.59
C GLN A 5 13.20 -17.47 -2.88
N LEU A 6 14.22 -16.64 -3.08
CA LEU A 6 14.00 -15.19 -3.12
C LEU A 6 13.25 -14.78 -4.38
N THR A 7 13.66 -15.29 -5.53
CA THR A 7 13.11 -14.79 -6.79
C THR A 7 11.61 -15.03 -6.92
N PRO A 8 11.09 -16.25 -6.69
CA PRO A 8 9.64 -16.43 -6.75
C PRO A 8 8.88 -15.56 -5.79
N PHE A 9 9.44 -15.29 -4.61
CA PHE A 9 8.76 -14.45 -3.64
C PHE A 9 8.63 -13.02 -4.17
N LEU A 10 9.70 -12.48 -4.73
CA LEU A 10 9.65 -11.14 -5.30
C LEU A 10 8.69 -11.07 -6.48
N ILE A 11 8.65 -12.11 -7.30
CA ILE A 11 7.68 -12.13 -8.38
C ILE A 11 6.27 -12.05 -7.84
N LEU A 12 5.99 -12.80 -6.77
CA LEU A 12 4.66 -12.74 -6.16
C LEU A 12 4.38 -11.37 -5.57
N LEU A 13 5.34 -10.75 -4.91
CA LEU A 13 5.09 -9.41 -4.38
C LEU A 13 4.85 -8.41 -5.49
N ARG A 14 5.58 -8.53 -6.61
CA ARG A 14 5.36 -7.63 -7.74
C ARG A 14 3.95 -7.77 -8.28
N LYS A 15 3.50 -9.01 -8.44
CA LYS A 15 2.16 -9.24 -8.95
C LYS A 15 1.12 -8.71 -7.97
N THR A 16 1.33 -8.95 -6.68
CA THR A 16 0.40 -8.50 -5.65
C THR A 16 0.33 -6.97 -5.64
N LEU A 17 1.48 -6.31 -5.75
CA LEU A 17 1.48 -4.86 -5.77
C LEU A 17 0.73 -4.33 -6.98
N GLU A 18 0.90 -4.95 -8.14
CA GLU A 18 0.14 -4.53 -9.29
C GLU A 18 -1.37 -4.72 -9.06
N GLN A 19 -1.77 -5.83 -8.44
CA GLN A 19 -3.19 -6.04 -8.12
C GLN A 19 -3.72 -4.98 -7.16
N LEU A 20 -2.94 -4.62 -6.15
CA LEU A 20 -3.37 -3.58 -5.23
C LEU A 20 -3.51 -2.24 -5.93
N GLN A 21 -2.54 -1.89 -6.79
CA GLN A 21 -2.62 -0.62 -7.51
C GLN A 21 -3.86 -0.58 -8.39
N GLU A 22 -4.22 -1.73 -8.97
CA GLU A 22 -5.39 -1.77 -9.82
C GLU A 22 -6.67 -1.45 -9.04
N LYS A 23 -6.69 -1.73 -7.74
CA LYS A 23 -7.85 -1.39 -6.91
C LYS A 23 -7.94 0.11 -6.63
N ASP A 24 -6.83 0.84 -6.77
CA ASP A 24 -6.82 2.28 -6.56
C ASP A 24 -7.16 2.94 -7.89
N THR A 25 -8.45 2.95 -8.20
CA THR A 25 -8.81 3.30 -9.58
C THR A 25 -8.55 4.77 -9.87
N GLY A 26 -8.67 5.64 -8.85
CA GLY A 26 -8.38 7.04 -8.99
C GLY A 26 -6.92 7.42 -8.96
N ASN A 27 -6.06 6.43 -8.73
CA ASN A 27 -4.61 6.64 -8.61
C ASN A 27 -4.26 7.64 -7.51
N ILE A 28 -5.09 7.74 -6.46
CA ILE A 28 -4.79 8.70 -5.42
C ILE A 28 -3.72 8.18 -4.48
N PHE A 29 -3.36 6.90 -4.58
CA PHE A 29 -2.32 6.31 -3.72
C PHE A 29 -1.08 5.92 -4.51
N SER A 30 -0.98 6.35 -5.77
CA SER A 30 0.07 5.86 -6.65
CA SER A 30 0.06 5.89 -6.69
C SER A 30 1.38 6.64 -6.53
N GLU A 31 1.37 7.79 -5.91
CA GLU A 31 2.58 8.56 -5.69
C GLU A 31 2.41 9.25 -4.35
N PRO A 32 3.50 9.74 -3.76
CA PRO A 32 3.38 10.35 -2.44
C PRO A 32 2.37 11.49 -2.45
N VAL A 33 1.64 11.60 -1.34
CA VAL A 33 0.83 12.79 -1.08
C VAL A 33 1.71 14.01 -1.32
N PRO A 34 1.28 14.98 -2.16
CA PRO A 34 2.14 16.13 -2.46
C PRO A 34 2.27 17.09 -1.28
N LEU A 35 3.35 16.95 -0.50
CA LEU A 35 3.49 17.72 0.73
C LEU A 35 3.51 19.21 0.47
N SER A 36 3.87 19.63 -0.75
CA SER A 36 3.89 21.05 -1.07
C SER A 36 2.48 21.63 -1.07
N GLU A 37 1.48 20.82 -1.38
CA GLU A 37 0.09 21.25 -1.43
C GLU A 37 -0.68 20.91 -0.17
N VAL A 38 -0.08 20.15 0.75
CA VAL A 38 -0.73 19.76 2.00
C VAL A 38 0.22 20.06 3.14
N PRO A 39 0.43 21.34 3.46
CA PRO A 39 1.48 21.69 4.42
C PRO A 39 1.31 21.09 5.80
N ASP A 40 0.10 20.75 6.21
CA ASP A 40 -0.12 20.20 7.55
C ASP A 40 -0.11 18.68 7.55
N TYR A 41 0.21 18.05 6.42
CA TYR A 41 0.07 16.60 6.33
C TYR A 41 0.89 15.90 7.40
N LEU A 42 2.13 16.35 7.62
CA LEU A 42 3.03 15.65 8.54
C LEU A 42 2.79 16.01 10.00
N ASP A 43 1.83 16.88 10.30
CA ASP A 43 1.55 17.22 11.69
C ASP A 43 1.16 15.98 12.49
N HIS A 44 0.41 15.07 11.87
CA HIS A 44 -0.06 13.86 12.54
C HIS A 44 0.26 12.58 11.78
N ILE A 45 0.82 12.67 10.58
CA ILE A 45 1.20 11.50 9.79
C ILE A 45 2.69 11.26 9.99
N LYS A 46 3.03 10.16 10.65
CA LYS A 46 4.41 9.87 11.03
C LYS A 46 5.23 9.36 9.86
N LYS A 47 4.62 8.54 9.00
CA LYS A 47 5.34 7.86 7.91
C LYS A 47 4.42 7.81 6.71
N PRO A 48 4.53 8.78 5.80
CA PRO A 48 3.79 8.68 4.54
C PRO A 48 4.15 7.42 3.77
N MET A 49 3.19 6.91 3.01
CA MET A 49 3.42 5.76 2.16
C MET A 49 2.53 5.83 0.94
N ASP A 50 2.98 5.21 -0.14
CA ASP A 50 2.25 5.20 -1.40
C ASP A 50 2.80 4.04 -2.22
N PHE A 51 2.10 3.68 -3.30
CA PHE A 51 2.49 2.51 -4.07
C PHE A 51 3.80 2.70 -4.84
N PHE A 52 4.13 3.92 -5.29
CA PHE A 52 5.42 4.11 -5.96
C PHE A 52 6.57 3.85 -4.98
N THR A 53 6.48 4.40 -3.78
CA THR A 53 7.48 4.11 -2.76
C THR A 53 7.53 2.61 -2.47
N MET A 54 6.38 1.94 -2.43
CA MET A 54 6.41 0.50 -2.20
C MET A 54 7.16 -0.23 -3.31
N LYS A 55 6.97 0.19 -4.55
CA LYS A 55 7.67 -0.43 -5.66
C LYS A 55 9.18 -0.24 -5.51
N GLN A 56 9.61 0.96 -5.09
N GLN A 56 9.59 0.97 -5.12
CA GLN A 56 11.04 1.19 -4.93
CA GLN A 56 11.01 1.23 -4.89
C GLN A 56 11.60 0.40 -3.75
C GLN A 56 11.55 0.32 -3.80
N ASN A 57 10.80 0.17 -2.71
CA ASN A 57 11.25 -0.66 -1.60
C ASN A 57 11.34 -2.11 -2.03
N LEU A 58 10.37 -2.58 -2.79
CA LEU A 58 10.38 -3.95 -3.30
C LEU A 58 11.65 -4.22 -4.12
N GLU A 59 11.98 -3.31 -5.02
CA GLU A 59 13.11 -3.49 -5.92
C GLU A 59 14.44 -3.28 -5.22
N ALA A 60 14.43 -2.63 -4.05
CA ALA A 60 15.61 -2.49 -3.20
C ALA A 60 15.75 -3.62 -2.19
N TYR A 61 14.95 -4.67 -2.33
CA TYR A 61 15.04 -5.85 -1.46
C TYR A 61 14.70 -5.52 -0.02
N ARG A 62 13.81 -4.54 0.17
CA ARG A 62 13.42 -4.16 1.51
C ARG A 62 12.29 -5.02 2.05
N TYR A 63 11.58 -5.75 1.19
CA TYR A 63 10.49 -6.63 1.62
C TYR A 63 10.95 -8.07 1.44
N LEU A 64 11.28 -8.72 2.55
CA LEU A 64 11.73 -10.12 2.49
C LEU A 64 10.76 -11.07 3.16
N ASN A 65 9.63 -10.56 3.63
CA ASN A 65 8.56 -11.38 4.15
C ASN A 65 7.26 -10.64 3.87
N PHE A 66 6.17 -11.39 3.96
CA PHE A 66 4.90 -10.81 3.56
C PHE A 66 4.48 -9.71 4.53
N ASP A 67 4.79 -9.86 5.82
CA ASP A 67 4.32 -8.87 6.77
C ASP A 67 4.97 -7.52 6.57
N ASP A 68 6.21 -7.45 6.08
CA ASP A 68 6.74 -6.10 5.87
C ASP A 68 6.11 -5.41 4.68
N PHE A 69 5.74 -6.18 3.67
CA PHE A 69 4.99 -5.64 2.54
C PHE A 69 3.62 -5.18 2.98
N GLU A 70 2.90 -6.02 3.74
CA GLU A 70 1.55 -5.70 4.19
C GLU A 70 1.56 -4.51 5.14
N GLU A 71 2.59 -4.36 5.96
CA GLU A 71 2.68 -3.21 6.87
C GLU A 71 2.65 -1.90 6.09
N ASP A 72 3.38 -1.82 4.98
CA ASP A 72 3.42 -0.57 4.21
C ASP A 72 2.10 -0.34 3.48
N PHE A 73 1.46 -1.40 2.97
CA PHE A 73 0.12 -1.23 2.42
C PHE A 73 -0.84 -0.69 3.48
N ASN A 74 -0.78 -1.24 4.69
CA ASN A 74 -1.66 -0.79 5.75
C ASN A 74 -1.43 0.67 6.09
N LEU A 75 -0.21 1.18 5.94
CA LEU A 75 0.07 2.60 6.15
C LEU A 75 -0.64 3.48 5.13
N ILE A 76 -0.64 3.07 3.86
CA ILE A 76 -1.37 3.81 2.84
C ILE A 76 -2.81 4.03 3.29
N VAL A 77 -3.43 2.96 3.75
CA VAL A 77 -4.82 3.01 4.21
C VAL A 77 -4.94 3.85 5.46
N SER A 78 -4.17 3.52 6.49
CA SER A 78 -4.35 4.15 7.79
CA SER A 78 -4.35 4.16 7.79
C SER A 78 -4.02 5.64 7.74
N ASN A 79 -3.03 6.04 6.94
CA ASN A 79 -2.70 7.45 6.85
C ASN A 79 -3.86 8.24 6.25
N CYS A 80 -4.51 7.65 5.25
CA CYS A 80 -5.62 8.33 4.59
C CYS A 80 -6.83 8.40 5.49
N LEU A 81 -7.13 7.33 6.23
CA LEU A 81 -8.21 7.38 7.21
C LEU A 81 -7.93 8.42 8.28
N LYS A 82 -6.67 8.55 8.70
CA LYS A 82 -6.34 9.49 9.77
C LYS A 82 -6.47 10.93 9.30
N TYR A 83 -5.93 11.25 8.13
CA TYR A 83 -5.86 12.64 7.71
C TYR A 83 -7.23 13.18 7.28
N ASN A 84 -8.03 12.38 6.60
CA ASN A 84 -9.21 12.86 5.92
C ASN A 84 -10.46 12.63 6.76
N ALA A 85 -11.38 13.58 6.70
CA ALA A 85 -12.64 13.45 7.43
C ALA A 85 -13.47 12.30 6.85
N LYS A 86 -14.34 11.73 7.68
CA LYS A 86 -15.11 10.55 7.28
C LYS A 86 -16.00 10.84 6.07
N ASP A 87 -16.49 12.07 5.94
CA ASP A 87 -17.43 12.40 4.88
C ASP A 87 -16.74 12.78 3.57
N THR A 88 -15.53 12.33 3.32
CA THR A 88 -14.80 12.65 2.10
C THR A 88 -14.66 11.45 1.19
N ILE A 89 -14.46 11.75 -0.08
CA ILE A 89 -14.14 10.70 -1.05
C ILE A 89 -12.89 9.96 -0.62
N PHE A 90 -11.89 10.69 -0.13
CA PHE A 90 -10.62 10.04 0.18
C PHE A 90 -10.76 9.06 1.32
N TYR A 91 -11.51 9.40 2.36
CA TYR A 91 -11.74 8.47 3.48
C TYR A 91 -12.42 7.21 2.95
N ARG A 92 -13.47 7.36 2.14
CA ARG A 92 -14.19 6.19 1.64
C ARG A 92 -13.35 5.39 0.68
N ALA A 93 -12.48 6.06 -0.08
CA ALA A 93 -11.55 5.35 -0.96
C ALA A 93 -10.59 4.48 -0.15
N ALA A 94 -10.14 4.97 0.99
CA ALA A 94 -9.26 4.17 1.82
C ALA A 94 -10.00 2.97 2.43
N VAL A 95 -11.24 3.14 2.83
CA VAL A 95 -12.06 1.99 3.27
C VAL A 95 -12.18 0.96 2.15
N ARG A 96 -12.49 1.41 0.93
CA ARG A 96 -12.64 0.48 -0.18
C ARG A 96 -11.34 -0.24 -0.46
N LEU A 97 -10.22 0.46 -0.37
CA LEU A 97 -8.93 -0.17 -0.60
C LEU A 97 -8.60 -1.18 0.49
N ARG A 98 -8.94 -0.86 1.72
CA ARG A 98 -8.75 -1.81 2.82
C ARG A 98 -9.48 -3.10 2.54
N GLU A 99 -10.74 -2.99 2.13
CA GLU A 99 -11.55 -4.18 1.85
C GLU A 99 -11.05 -4.92 0.62
N GLN A 100 -10.95 -4.23 -0.50
CA GLN A 100 -10.56 -4.91 -1.74
C GLN A 100 -9.11 -5.38 -1.69
N GLY A 101 -8.22 -4.55 -1.16
CA GLY A 101 -6.83 -4.93 -1.03
C GLY A 101 -6.60 -6.02 0.00
N GLY A 102 -7.38 -6.04 1.09
CA GLY A 102 -7.31 -7.14 2.03
C GLY A 102 -7.55 -8.48 1.37
N ALA A 103 -8.50 -8.54 0.44
CA ALA A 103 -8.78 -9.78 -0.27
C ALA A 103 -7.60 -10.19 -1.16
N VAL A 104 -7.02 -9.21 -1.86
CA VAL A 104 -5.83 -9.46 -2.66
C VAL A 104 -4.73 -10.04 -1.79
N LEU A 105 -4.53 -9.47 -0.60
CA LEU A 105 -3.41 -9.87 0.24
C LEU A 105 -3.59 -11.26 0.82
N ARG A 106 -4.81 -11.59 1.26
CA ARG A 106 -5.08 -12.94 1.74
C ARG A 106 -4.76 -13.97 0.67
N GLN A 107 -5.21 -13.73 -0.56
CA GLN A 107 -4.92 -14.68 -1.63
C GLN A 107 -3.43 -14.82 -1.86
N ALA A 108 -2.70 -13.70 -1.85
CA ALA A 108 -1.26 -13.76 -2.08
C ALA A 108 -0.56 -14.49 -0.96
N ARG A 109 -1.00 -14.28 0.28
CA ARG A 109 -0.36 -14.95 1.40
C ARG A 109 -0.56 -16.45 1.31
N ARG A 110 -1.70 -16.89 0.76
CA ARG A 110 -1.93 -18.31 0.58
C ARG A 110 -1.03 -18.88 -0.51
N GLN A 111 -0.70 -18.06 -1.50
CA GLN A 111 0.25 -18.43 -2.57
C GLN A 111 1.63 -18.53 -1.92
N ALA A 112 2.02 -17.54 -1.11
CA ALA A 112 3.33 -17.52 -0.47
C ALA A 112 3.51 -18.71 0.46
N GLU A 113 2.45 -19.11 1.15
CA GLU A 113 2.55 -20.22 2.09
C GLU A 113 2.73 -21.57 1.39
N LYS A 114 2.32 -21.68 0.13
CA LYS A 114 2.50 -22.90 -0.64
C LYS A 114 3.89 -23.01 -1.27
N MET A 115 4.72 -21.98 -1.12
CA MET A 115 6.10 -22.01 -1.62
C MET A 115 7.00 -22.76 -0.65
#